data_8AZ8
#
_entry.id   8AZ8
#
_cell.length_a   36.643
_cell.length_b   36.643
_cell.length_c   141.366
_cell.angle_alpha   90.000
_cell.angle_beta   90.000
_cell.angle_gamma   90.000
#
_symmetry.space_group_name_H-M   'P 43 21 2'
#
loop_
_entity.id
_entity.type
_entity.pdbx_description
1 polymer 'Host translation inhibitor nsp1'
2 non-polymer 2-[(phenylmethyl)amino]ethanol
3 water water
#
_entity_poly.entity_id   1
_entity_poly.type   'polypeptide(L)'
_entity_poly.pdbx_seq_one_letter_code
;MEKTHVQLSLPVLQVRDVLVRGFGDSVEEVLSEARQHLKDGTCGLVEVEKGVLPQLEQPYVFIKRSDARTAPHGHVMVEL
VAELEGIQYGRSGETLGVLVPHVGEIPVAYRKVLLRKN
;
_entity_poly.pdbx_strand_id   B
#
loop_
_chem_comp.id
_chem_comp.type
_chem_comp.name
_chem_comp.formula
OEI non-polymer 2-[(phenylmethyl)amino]ethanol 'C9 H13 N O'
#
# COMPACT_ATOMS: atom_id res chain seq x y z
N MET A 1 -19.19 0.72 12.93
CA MET A 1 -19.61 0.45 11.56
C MET A 1 -18.45 -0.07 10.69
N GLU A 2 -17.21 0.06 11.19
CA GLU A 2 -16.04 -0.29 10.40
C GLU A 2 -15.87 -1.81 10.39
N LYS A 3 -15.87 -2.40 9.19
CA LYS A 3 -15.70 -3.84 9.00
C LYS A 3 -14.24 -4.20 9.20
N THR A 4 -13.97 -5.49 9.46
CA THR A 4 -12.57 -5.93 9.56
C THR A 4 -11.82 -5.85 8.25
N HIS A 5 -12.51 -5.97 7.12
CA HIS A 5 -11.88 -5.90 5.81
C HIS A 5 -12.76 -5.05 4.91
N VAL A 6 -12.12 -4.29 4.00
CA VAL A 6 -12.81 -3.43 3.04
C VAL A 6 -12.25 -3.72 1.66
N GLN A 7 -13.16 -3.80 0.70
CA GLN A 7 -12.77 -4.00 -0.68
C GLN A 7 -12.40 -2.67 -1.26
N LEU A 8 -11.22 -2.59 -1.82
CA LEU A 8 -10.73 -1.36 -2.42
C LEU A 8 -10.17 -1.68 -3.79
N SER A 9 -10.26 -0.70 -4.70
CA SER A 9 -9.57 -0.77 -5.98
C SER A 9 -8.52 0.33 -6.00
N LEU A 10 -7.25 -0.06 -5.97
CA LEU A 10 -6.18 0.92 -5.82
C LEU A 10 -5.56 1.25 -7.16
N PRO A 11 -5.34 2.52 -7.43
CA PRO A 11 -4.64 2.88 -8.67
C PRO A 11 -3.18 2.51 -8.59
N VAL A 12 -2.69 1.83 -9.62
CA VAL A 12 -1.30 1.41 -9.71
C VAL A 12 -0.56 2.49 -10.47
N LEU A 13 0.45 3.05 -9.83
CA LEU A 13 1.21 4.18 -10.37
C LEU A 13 2.60 3.74 -10.77
N GLN A 14 3.12 4.34 -11.82
CA GLN A 14 4.53 4.20 -12.16
C GLN A 14 5.33 5.08 -11.21
N VAL A 15 6.47 4.53 -10.78
CA VAL A 15 7.26 5.22 -9.77
C VAL A 15 7.68 6.60 -10.21
N ARG A 16 8.03 6.79 -11.47
CA ARG A 16 8.50 8.10 -11.90
C ARG A 16 7.39 9.13 -11.96
N ASP A 17 6.13 8.71 -11.88
CA ASP A 17 5.01 9.66 -11.88
C ASP A 17 4.67 10.14 -10.48
N VAL A 18 5.10 9.47 -9.43
CA VAL A 18 4.61 9.73 -8.09
C VAL A 18 5.11 11.07 -7.61
N LEU A 19 4.19 11.90 -7.16
CA LEU A 19 4.56 13.22 -6.70
C LEU A 19 4.91 13.28 -5.23
N VAL A 20 4.24 12.50 -4.40
CA VAL A 20 4.48 12.47 -2.95
C VAL A 20 4.96 11.05 -2.64
N ARG A 21 6.22 10.91 -2.28
CA ARG A 21 6.88 9.63 -2.38
C ARG A 21 6.88 8.81 -1.11
N GLY A 22 6.11 9.21 -0.10
CA GLY A 22 5.93 8.47 1.12
C GLY A 22 4.87 9.15 1.96
N PHE A 23 4.54 8.53 3.08
CA PHE A 23 3.47 9.00 3.93
C PHE A 23 3.95 9.76 5.14
N GLY A 24 5.24 9.82 5.43
CA GLY A 24 5.63 10.45 6.67
C GLY A 24 6.99 9.99 7.12
N ASP A 25 7.30 10.27 8.40
CA ASP A 25 8.67 10.28 8.86
C ASP A 25 9.00 9.22 9.90
N SER A 26 8.02 8.41 10.31
CA SER A 26 8.21 7.37 11.28
C SER A 26 7.29 6.23 10.89
N VAL A 27 7.60 5.06 11.42
CA VAL A 27 6.79 3.88 11.14
C VAL A 27 5.34 4.13 11.52
N GLU A 28 5.14 4.64 12.72
CA GLU A 28 3.77 4.83 13.20
C GLU A 28 3.02 5.83 12.34
N GLU A 29 3.70 6.90 11.93
CA GLU A 29 3.04 7.90 11.09
C GLU A 29 2.68 7.32 9.73
N VAL A 30 3.60 6.60 9.10
CA VAL A 30 3.31 6.12 7.75
C VAL A 30 2.16 5.14 7.74
N LEU A 31 2.08 4.29 8.74
CA LEU A 31 0.98 3.35 8.81
C LEU A 31 -0.33 4.10 9.00
N SER A 32 -0.30 5.09 9.90
CA SER A 32 -1.49 5.89 10.19
C SER A 32 -1.98 6.63 8.95
N GLU A 33 -1.07 7.33 8.30
CA GLU A 33 -1.44 8.10 7.11
C GLU A 33 -1.86 7.19 5.97
N ALA A 34 -1.17 6.07 5.78
CA ALA A 34 -1.59 5.14 4.74
C ALA A 34 -3.03 4.70 4.98
N ARG A 35 -3.35 4.34 6.22
CA ARG A 35 -4.70 3.90 6.53
CA ARG A 35 -4.70 3.89 6.51
C ARG A 35 -5.72 4.99 6.27
N GLN A 36 -5.39 6.22 6.61
CA GLN A 36 -6.32 7.32 6.34
C GLN A 36 -6.52 7.54 4.84
N HIS A 37 -5.44 7.55 4.07
CA HIS A 37 -5.56 7.70 2.63
C HIS A 37 -6.31 6.56 1.98
N LEU A 38 -6.14 5.35 2.50
CA LEU A 38 -6.93 4.21 1.98
C LEU A 38 -8.41 4.44 2.24
N LYS A 39 -8.76 4.94 3.42
CA LYS A 39 -10.16 5.22 3.72
C LYS A 39 -10.72 6.33 2.83
N ASP A 40 -9.89 7.32 2.50
CA ASP A 40 -10.33 8.50 1.77
C ASP A 40 -10.29 8.31 0.26
N GLY A 41 -9.78 7.18 -0.20
CA GLY A 41 -9.66 6.94 -1.62
C GLY A 41 -8.55 7.71 -2.27
N THR A 42 -7.49 8.02 -1.51
CA THR A 42 -6.39 8.82 -2.03
C THR A 42 -5.07 8.10 -1.81
N CYS A 43 -5.07 6.77 -2.03
CA CYS A 43 -3.87 5.95 -1.90
C CYS A 43 -3.61 5.23 -3.19
N GLY A 44 -2.37 5.31 -3.66
CA GLY A 44 -1.94 4.55 -4.80
C GLY A 44 -0.99 3.41 -4.40
N LEU A 45 -0.65 2.61 -5.39
CA LEU A 45 0.18 1.43 -5.23
C LEU A 45 1.26 1.46 -6.31
N VAL A 46 2.50 1.27 -5.92
CA VAL A 46 3.59 1.11 -6.87
C VAL A 46 4.10 -0.32 -6.76
N GLU A 47 4.14 -1.03 -7.87
CA GLU A 47 4.64 -2.39 -7.86
C GLU A 47 6.16 -2.35 -7.73
N VAL A 48 6.71 -3.23 -6.91
CA VAL A 48 8.13 -3.21 -6.57
C VAL A 48 8.90 -4.00 -7.61
N GLU A 49 9.81 -3.33 -8.29
CA GLU A 49 10.77 -3.88 -9.22
C GLU A 49 12.14 -3.32 -8.80
N LYS A 50 13.20 -3.89 -9.37
CA LYS A 50 14.51 -3.31 -9.12
C LYS A 50 14.49 -1.82 -9.40
N GLY A 51 15.06 -1.04 -8.48
CA GLY A 51 15.19 0.39 -8.65
C GLY A 51 14.02 1.18 -8.10
N VAL A 52 12.94 0.53 -7.68
CA VAL A 52 11.79 1.27 -7.24
C VAL A 52 11.97 1.83 -5.85
N LEU A 53 12.30 0.98 -4.88
CA LEU A 53 12.35 1.50 -3.50
C LEU A 53 13.35 2.64 -3.34
N PRO A 54 14.54 2.61 -3.92
CA PRO A 54 15.45 3.78 -3.79
C PRO A 54 14.89 5.07 -4.33
N GLN A 55 13.86 5.02 -5.16
CA GLN A 55 13.21 6.21 -5.67
C GLN A 55 12.06 6.70 -4.81
N LEU A 56 11.72 5.97 -3.76
CA LEU A 56 10.70 6.36 -2.82
C LEU A 56 11.30 6.68 -1.49
N GLU A 57 10.48 7.20 -0.58
CA GLU A 57 10.95 7.65 0.72
C GLU A 57 10.63 6.66 1.83
N GLN A 58 11.58 6.43 2.67
CA GLN A 58 11.33 5.63 3.85
C GLN A 58 10.79 6.48 4.97
N PRO A 59 10.10 5.87 5.95
CA PRO A 59 9.68 4.47 6.00
C PRO A 59 8.71 4.14 4.87
N TYR A 60 8.81 2.91 4.38
CA TYR A 60 7.90 2.39 3.39
C TYR A 60 6.68 1.74 4.03
N VAL A 61 5.55 1.78 3.33
CA VAL A 61 4.38 0.99 3.66
C VAL A 61 4.12 0.01 2.54
N PHE A 62 4.19 -1.26 2.85
CA PHE A 62 3.85 -2.31 1.90
C PHE A 62 2.44 -2.83 2.16
N ILE A 63 1.76 -3.26 1.09
CA ILE A 63 0.62 -4.17 1.24
C ILE A 63 1.13 -5.56 0.93
N LYS A 64 0.86 -6.50 1.82
CA LYS A 64 1.34 -7.86 1.72
C LYS A 64 0.15 -8.81 1.80
N ARG A 65 0.26 -9.92 1.08
CA ARG A 65 -0.81 -10.91 1.07
C ARG A 65 -0.96 -11.59 2.42
N SER A 66 -2.19 -11.60 2.92
CA SER A 66 -2.43 -12.13 4.25
C SER A 66 -3.01 -13.53 4.27
N ASP A 67 -3.44 -14.08 3.15
CA ASP A 67 -3.96 -15.44 3.22
C ASP A 67 -4.04 -16.01 1.82
N ALA A 68 -4.17 -17.34 1.74
CA ALA A 68 -4.05 -18.07 0.47
C ALA A 68 -5.36 -18.56 -0.12
N ARG A 69 -6.48 -18.46 0.59
CA ARG A 69 -7.72 -19.08 0.14
C ARG A 69 -8.80 -18.10 -0.30
N THR A 70 -8.75 -16.85 0.14
CA THR A 70 -9.88 -15.93 -0.06
C THR A 70 -9.47 -14.80 -1.00
N ALA A 71 -10.10 -14.78 -2.17
CA ALA A 71 -10.03 -13.65 -3.10
C ALA A 71 -11.44 -13.42 -3.62
N PRO A 72 -12.35 -12.93 -2.76
CA PRO A 72 -13.73 -12.72 -3.19
C PRO A 72 -13.82 -11.58 -4.19
N HIS A 73 -14.59 -11.80 -5.25
CA HIS A 73 -14.43 -11.02 -6.48
C HIS A 73 -12.97 -11.26 -6.92
N GLY A 74 -12.18 -10.23 -7.19
CA GLY A 74 -10.78 -10.42 -7.48
C GLY A 74 -9.91 -9.78 -6.41
N HIS A 75 -10.44 -9.70 -5.19
CA HIS A 75 -9.83 -8.91 -4.13
C HIS A 75 -8.92 -9.78 -3.28
N VAL A 76 -7.61 -9.68 -3.48
CA VAL A 76 -6.67 -10.43 -2.66
C VAL A 76 -6.67 -9.84 -1.25
N MET A 77 -6.68 -10.69 -0.22
CA MET A 77 -6.68 -10.19 1.15
C MET A 77 -5.28 -9.72 1.49
N VAL A 78 -5.17 -8.50 2.01
CA VAL A 78 -3.88 -7.87 2.29
C VAL A 78 -3.87 -7.17 3.63
N GLU A 79 -2.67 -6.99 4.15
CA GLU A 79 -2.45 -6.17 5.33
C GLU A 79 -1.25 -5.26 5.11
N LEU A 80 -1.15 -4.26 5.99
CA LEU A 80 -0.06 -3.31 5.91
C LEU A 80 1.14 -3.72 6.75
N VAL A 81 2.33 -3.52 6.20
CA VAL A 81 3.58 -3.72 6.92
C VAL A 81 4.52 -2.58 6.55
N ALA A 82 5.11 -1.97 7.54
CA ALA A 82 6.04 -0.87 7.32
C ALA A 82 7.48 -1.34 7.42
N GLU A 83 8.36 -0.61 6.77
CA GLU A 83 9.80 -0.91 6.78
C GLU A 83 10.59 0.37 6.95
N LEU A 84 11.57 0.32 7.85
CA LEU A 84 12.52 1.43 8.03
C LEU A 84 13.87 0.87 8.35
N GLU A 85 14.87 1.29 7.58
CA GLU A 85 16.26 0.90 7.82
C GLU A 85 16.37 -0.62 7.92
N GLY A 86 15.66 -1.32 7.04
CA GLY A 86 15.81 -2.76 6.93
C GLY A 86 15.06 -3.58 7.94
N ILE A 87 14.27 -2.94 8.78
CA ILE A 87 13.49 -3.62 9.82
C ILE A 87 12.03 -3.45 9.44
N GLN A 88 11.28 -4.54 9.53
CA GLN A 88 9.87 -4.57 9.20
C GLN A 88 9.04 -4.65 10.47
N TYR A 89 7.90 -4.02 10.40
CA TYR A 89 6.98 -3.80 11.52
C TYR A 89 5.68 -4.42 11.01
N GLY A 90 5.44 -5.62 11.49
CA GLY A 90 4.50 -6.58 10.96
C GLY A 90 5.21 -7.76 10.30
N ARG A 91 4.51 -8.89 10.22
CA ARG A 91 4.94 -10.01 9.40
C ARG A 91 3.73 -10.46 8.60
N SER A 92 3.94 -10.70 7.33
CA SER A 92 2.84 -11.05 6.43
C SER A 92 3.43 -11.81 5.25
N GLY A 93 2.63 -11.97 4.22
CA GLY A 93 3.00 -12.70 3.05
C GLY A 93 3.67 -11.84 2.00
N GLU A 94 3.54 -12.27 0.76
CA GLU A 94 4.22 -11.64 -0.35
C GLU A 94 3.74 -10.20 -0.62
N THR A 95 4.69 -9.33 -0.96
CA THR A 95 4.36 -7.95 -1.27
C THR A 95 3.63 -7.82 -2.59
N LEU A 96 2.52 -7.06 -2.56
CA LEU A 96 1.82 -6.68 -3.79
C LEU A 96 2.32 -5.33 -4.27
N GLY A 97 2.82 -4.48 -3.39
CA GLY A 97 3.42 -3.23 -3.79
C GLY A 97 3.66 -2.37 -2.58
N VAL A 98 4.15 -1.18 -2.88
CA VAL A 98 4.41 -0.13 -1.91
C VAL A 98 3.34 0.94 -2.08
N LEU A 99 2.75 1.37 -0.98
CA LEU A 99 1.69 2.37 -1.02
C LEU A 99 2.30 3.76 -1.01
N VAL A 100 1.65 4.66 -1.74
CA VAL A 100 2.03 6.07 -1.76
C VAL A 100 0.76 6.89 -1.80
N PRO A 101 0.82 8.16 -1.36
CA PRO A 101 -0.32 9.04 -1.62
C PRO A 101 -0.63 9.10 -3.08
N HIS A 102 -1.90 9.17 -3.40
CA HIS A 102 -2.35 9.43 -4.76
C HIS A 102 -2.91 10.85 -4.81
N VAL A 103 -2.34 11.69 -5.66
CA VAL A 103 -2.72 13.08 -5.78
C VAL A 103 -3.07 13.39 -7.22
N GLY A 104 -3.63 12.46 -7.96
CA GLY A 104 -4.14 12.68 -9.29
C GLY A 104 -3.31 12.14 -10.42
N GLU A 105 -2.25 11.43 -10.10
CA GLU A 105 -1.45 10.76 -11.12
C GLU A 105 -2.32 9.79 -11.90
N ILE A 106 -2.03 9.64 -13.19
CA ILE A 106 -2.75 8.66 -14.01
C ILE A 106 -2.19 7.27 -13.79
N PRO A 107 -3.03 6.32 -13.38
CA PRO A 107 -2.56 4.96 -13.15
C PRO A 107 -2.42 4.18 -14.43
N VAL A 108 -1.72 3.07 -14.32
CA VAL A 108 -1.57 2.14 -15.43
C VAL A 108 -2.47 0.92 -15.28
N ALA A 109 -3.11 0.75 -14.12
CA ALA A 109 -3.97 -0.37 -13.82
C ALA A 109 -4.60 -0.05 -12.48
N TYR A 110 -5.58 -0.86 -12.12
CA TYR A 110 -6.16 -0.83 -10.79
C TYR A 110 -5.98 -2.21 -10.19
N ARG A 111 -5.68 -2.24 -8.90
CA ARG A 111 -5.43 -3.49 -8.17
C ARG A 111 -6.51 -3.65 -7.11
N LYS A 112 -7.29 -4.72 -7.24
CA LYS A 112 -8.35 -4.99 -6.26
C LYS A 112 -7.80 -5.72 -5.06
N VAL A 113 -8.08 -5.19 -3.88
CA VAL A 113 -7.65 -5.80 -2.64
C VAL A 113 -8.77 -5.81 -1.62
N LEU A 114 -8.65 -6.71 -0.69
CA LEU A 114 -9.53 -6.79 0.48
C LEU A 114 -8.61 -6.46 1.65
N LEU A 115 -8.70 -5.22 2.12
CA LEU A 115 -7.73 -4.70 3.06
C LEU A 115 -8.16 -4.95 4.48
N ARG A 116 -7.27 -5.54 5.25
CA ARG A 116 -7.52 -5.76 6.67
C ARG A 116 -7.36 -4.44 7.41
N LYS A 117 -8.43 -4.02 8.09
CA LYS A 117 -8.49 -2.74 8.78
C LYS A 117 -8.68 -2.99 10.28
C10 OEI B . -0.14 13.53 1.08
C02 OEI B . -3.13 14.85 6.82
C03 OEI B . -3.29 15.71 5.56
C05 OEI B . -1.82 15.79 3.68
C06 OEI B . -1.46 15.12 2.35
C07 OEI B . -2.13 15.48 1.20
C08 OEI B . -1.81 14.87 -0.02
C09 OEI B . -0.84 13.89 -0.08
C11 OEI B . -0.46 14.15 2.29
N04 OEI B . -2.83 15.01 4.38
O01 OEI B . -2.41 15.58 7.77
H101 OEI B . 0.63 12.77 1.04
H022 OEI B . -2.60 13.93 6.56
H021 OEI B . -4.10 14.59 7.22
H031 OEI B . -4.34 15.97 5.45
H032 OEI B . -2.72 16.62 5.69
H051 OEI B . -0.93 15.88 4.30
H052 OEI B . -2.20 16.79 3.48
H071 OEI B . -2.89 16.24 1.24
H081 OEI B . -2.35 15.16 -0.92
H091 OEI B . -0.60 13.41 -1.02
H111 OEI B . 0.09 13.87 3.18
H041 OEI B . -3.61 14.85 3.77
H011 OEI B . -2.35 15.08 8.56
#